data_4XM6
#
_entry.id   4XM6
#
_cell.length_a   57.936
_cell.length_b   76.922
_cell.length_c   138.576
_cell.angle_alpha   90.000
_cell.angle_beta   90.000
_cell.angle_gamma   90.000
#
_symmetry.space_group_name_H-M   'P 21 21 21'
#
loop_
_entity.id
_entity.type
_entity.pdbx_description
1 polymer 'Lethal factor'
2 non-polymer N~2~-[(4-fluoro-3-methylphenyl)sulfonyl]-N-hydroxy-N~2~-(2-methylpropyl)-D-valinamide
3 non-polymer 'ZINC ION'
4 non-polymer 1,2-ETHANEDIOL
5 water water
#
_entity_poly.entity_id   1
_entity_poly.type   'polypeptide(L)'
_entity_poly.pdbx_seq_one_letter_code
;SNALSRYEKWEKIKQHYQHWSDSLSEEGRGLLKKLQIPIEPKKDDIIHSLSQEEKELLKRIQIDSSDFLSTEEKEFLKKL
QIDIRDSLSEEEKELLNRIQVDSSNPLSEKEKEFLKKLKLDIQPYDINQRLQDTGGLIDSPSINLDVRKQYKRDIQNIDA
LLHQSIGSTLYNKIYLYENMNINNLTATLGADLVDSTDNTKINRGIFNEFKKNFKYSISSNYMIVDINERPALDNERLKW
RIQLSPDTRAGYLENGKLILQRNIGLEIKDVQIIKQSEKEYIRIDAKVVPKSKIDTKIQEAQLNINQEWNKALGLPKYTK
LITFNVHNRYASNIVESAYLILNEWKNNIQSDLIKKVTNYLVDGNGRFVFTDITLPNIAEQYTHQDEIYEQVHSKGLYVP
ESRSILLHGPSKGVELRNDSEGFIHEFGHAVDDYAGYLLDKNQSDLVTNSKKFIDIFKEEGSNLTSYGRTNEAEFFAEAF
RLMHSTDHAERLKVQKNAPKTFQFINDQIKFIINSLVPR
;
_entity_poly.pdbx_strand_id   A
#
loop_
_chem_comp.id
_chem_comp.type
_chem_comp.name
_chem_comp.formula
41R non-polymer N~2~-[(4-fluoro-3-methylphenyl)sulfonyl]-N-hydroxy-N~2~-(2-methylpropyl)-D-valinamide 'C16 H25 F N2 O4 S'
EDO non-polymer 1,2-ETHANEDIOL 'C2 H6 O2'
ZN non-polymer 'ZINC ION' 'Zn 2'
#
# COMPACT_ATOMS: atom_id res chain seq x y z
N SER A 5 -10.48 -3.00 -38.05
CA SER A 5 -11.22 -4.12 -37.48
C SER A 5 -10.61 -4.54 -36.15
N ARG A 6 -11.40 -5.21 -35.32
CA ARG A 6 -10.88 -5.78 -34.08
C ARG A 6 -9.93 -6.91 -34.44
N TYR A 7 -10.32 -7.71 -35.43
CA TYR A 7 -9.53 -8.85 -35.84
C TYR A 7 -8.30 -8.41 -36.65
N GLU A 8 -8.49 -7.52 -37.61
CA GLU A 8 -7.39 -7.01 -38.43
C GLU A 8 -6.27 -6.40 -37.57
N LYS A 9 -6.67 -5.66 -36.54
CA LYS A 9 -5.73 -5.06 -35.61
C LYS A 9 -4.94 -6.13 -34.86
N TRP A 10 -5.65 -7.19 -34.46
CA TRP A 10 -5.04 -8.33 -33.77
C TRP A 10 -4.00 -9.02 -34.68
N GLU A 11 -4.39 -9.38 -35.91
CA GLU A 11 -3.47 -10.02 -36.85
C GLU A 11 -2.27 -9.12 -37.16
N LYS A 12 -2.50 -7.81 -37.25
CA LYS A 12 -1.42 -6.87 -37.54
C LYS A 12 -0.38 -6.84 -36.42
N ILE A 13 -0.84 -6.81 -35.17
CA ILE A 13 0.08 -6.77 -34.04
C ILE A 13 0.81 -8.11 -33.91
N LYS A 14 0.09 -9.21 -34.11
CA LYS A 14 0.69 -10.54 -34.09
C LYS A 14 1.81 -10.67 -35.13
N GLN A 15 1.54 -10.19 -36.34
CA GLN A 15 2.55 -10.18 -37.41
C GLN A 15 3.81 -9.42 -36.99
N HIS A 16 3.62 -8.26 -36.36
CA HIS A 16 4.73 -7.42 -35.93
C HIS A 16 5.66 -8.16 -34.97
N TYR A 17 5.12 -9.11 -34.25
CA TYR A 17 5.87 -9.86 -33.24
C TYR A 17 6.08 -11.32 -33.62
N GLN A 18 5.64 -11.70 -34.81
CA GLN A 18 5.70 -13.10 -35.23
C GLN A 18 7.10 -13.71 -35.16
N HIS A 19 8.10 -12.99 -35.66
CA HIS A 19 9.48 -13.47 -35.59
C HIS A 19 9.89 -13.62 -34.14
N TRP A 20 9.57 -12.61 -33.35
CA TRP A 20 9.85 -12.64 -31.92
C TRP A 20 9.23 -13.86 -31.24
N SER A 21 7.98 -14.18 -31.59
CA SER A 21 7.29 -15.34 -31.02
C SER A 21 7.97 -16.65 -31.39
N ASP A 22 8.21 -16.86 -32.68
CA ASP A 22 8.84 -18.08 -33.17
C ASP A 22 10.24 -18.25 -32.58
N SER A 23 10.87 -17.14 -32.22
CA SER A 23 12.24 -17.17 -31.70
C SER A 23 12.33 -17.53 -30.22
N LEU A 24 11.19 -17.76 -29.57
CA LEU A 24 11.18 -18.04 -28.15
C LEU A 24 11.54 -19.49 -27.85
N SER A 25 12.46 -19.69 -26.92
CA SER A 25 12.76 -21.03 -26.42
C SER A 25 11.64 -21.50 -25.54
N GLU A 26 11.59 -22.81 -25.28
CA GLU A 26 10.59 -23.36 -24.37
C GLU A 26 10.75 -22.79 -22.96
N GLU A 27 11.98 -22.37 -22.65
CA GLU A 27 12.28 -21.77 -21.37
C GLU A 27 11.68 -20.37 -21.29
N GLY A 28 11.78 -19.63 -22.40
CA GLY A 28 11.17 -18.32 -22.48
C GLY A 28 9.67 -18.41 -22.36
N ARG A 29 9.07 -19.36 -23.08
CA ARG A 29 7.63 -19.54 -23.06
C ARG A 29 7.14 -19.93 -21.66
N GLY A 30 7.86 -20.83 -20.99
CA GLY A 30 7.47 -21.25 -19.66
C GLY A 30 7.53 -20.08 -18.69
N LEU A 31 8.50 -19.20 -18.91
CA LEU A 31 8.67 -18.03 -18.07
C LEU A 31 7.50 -17.07 -18.23
N LEU A 32 7.10 -16.83 -19.48
CA LEU A 32 5.97 -15.97 -19.76
C LEU A 32 4.68 -16.55 -19.20
N LYS A 33 4.53 -17.86 -19.26
CA LYS A 33 3.34 -18.52 -18.70
C LYS A 33 3.32 -18.39 -17.18
N LYS A 34 4.49 -18.56 -16.56
CA LYS A 34 4.61 -18.46 -15.12
C LYS A 34 4.25 -17.05 -14.66
N LEU A 35 4.64 -16.06 -15.45
CA LEU A 35 4.32 -14.66 -15.17
C LEU A 35 2.80 -14.43 -15.22
N GLN A 36 2.13 -15.04 -16.20
CA GLN A 36 0.70 -14.90 -16.34
C GLN A 36 -0.09 -15.70 -15.32
N ILE A 37 0.42 -16.88 -14.97
CA ILE A 37 -0.27 -17.75 -14.03
C ILE A 37 0.65 -18.11 -12.87
N PRO A 38 0.54 -17.34 -11.77
CA PRO A 38 1.35 -17.56 -10.57
C PRO A 38 1.20 -18.97 -10.01
N ILE A 39 2.31 -19.49 -9.50
CA ILE A 39 2.33 -20.84 -8.95
C ILE A 39 1.83 -20.82 -7.51
N GLU A 40 0.63 -21.35 -7.30
CA GLU A 40 0.02 -21.36 -5.99
C GLU A 40 0.63 -22.44 -5.10
N PRO A 41 0.56 -22.25 -3.77
CA PRO A 41 1.05 -23.29 -2.86
C PRO A 41 0.05 -24.43 -2.75
N LYS A 42 0.54 -25.66 -2.66
CA LYS A 42 -0.34 -26.80 -2.43
C LYS A 42 -0.67 -26.95 -0.94
N LYS A 43 -1.96 -26.94 -0.62
CA LYS A 43 -2.40 -27.13 0.76
C LYS A 43 -1.93 -28.47 1.31
N ASP A 44 -1.86 -29.45 0.41
CA ASP A 44 -1.34 -30.77 0.73
C ASP A 44 0.05 -30.66 1.34
N ASP A 45 0.93 -29.98 0.61
CA ASP A 45 2.32 -29.83 0.99
C ASP A 45 2.47 -29.06 2.30
N ILE A 46 1.59 -28.08 2.52
CA ILE A 46 1.67 -27.26 3.72
C ILE A 46 1.30 -28.06 4.96
N ILE A 47 0.14 -28.70 4.92
CA ILE A 47 -0.38 -29.44 6.07
C ILE A 47 0.55 -30.60 6.45
N HIS A 48 1.14 -31.24 5.45
CA HIS A 48 2.09 -32.32 5.67
C HIS A 48 3.34 -31.85 6.40
N SER A 49 3.66 -30.57 6.26
CA SER A 49 4.85 -30.00 6.89
C SER A 49 4.62 -29.67 8.36
N LEU A 50 3.35 -29.52 8.73
CA LEU A 50 3.00 -29.15 10.09
C LEU A 50 3.06 -30.34 11.05
N SER A 51 3.50 -30.10 12.29
CA SER A 51 3.56 -31.16 13.30
C SER A 51 2.15 -31.50 13.77
N GLN A 52 2.04 -32.36 14.77
CA GLN A 52 0.74 -32.78 15.26
C GLN A 52 0.17 -31.68 16.12
N GLU A 53 0.97 -31.16 17.03
CA GLU A 53 0.51 -30.05 17.81
C GLU A 53 -0.07 -29.05 16.81
N GLU A 54 0.79 -28.55 15.95
CA GLU A 54 0.44 -27.49 15.00
C GLU A 54 -0.87 -27.71 14.26
N LYS A 55 -0.99 -28.85 13.59
CA LYS A 55 -2.18 -29.11 12.81
C LYS A 55 -3.43 -28.69 13.55
N GLU A 56 -3.45 -28.95 14.85
CA GLU A 56 -4.67 -28.73 15.60
C GLU A 56 -5.00 -27.27 15.83
N LEU A 57 -3.98 -26.46 16.01
CA LEU A 57 -4.13 -25.05 16.22
C LEU A 57 -4.88 -24.37 15.10
N LEU A 58 -4.47 -24.62 13.87
CA LEU A 58 -5.18 -24.03 12.74
C LEU A 58 -6.70 -24.21 12.88
N LYS A 59 -7.17 -25.43 13.18
CA LYS A 59 -8.61 -25.62 13.34
C LYS A 59 -9.20 -24.80 14.49
N ARG A 60 -8.41 -24.56 15.54
CA ARG A 60 -8.91 -23.81 16.70
C ARG A 60 -8.75 -22.29 16.56
N ILE A 61 -7.83 -21.86 15.70
CA ILE A 61 -7.65 -20.42 15.46
C ILE A 61 -8.90 -19.79 14.87
N GLN A 62 -9.35 -18.70 15.48
CA GLN A 62 -10.29 -17.81 14.82
C GLN A 62 -9.49 -16.94 13.87
N ILE A 63 -9.53 -17.29 12.58
CA ILE A 63 -8.61 -16.74 11.60
C ILE A 63 -8.89 -15.27 11.24
N ASP A 64 -10.17 -14.92 11.13
CA ASP A 64 -10.53 -13.57 10.68
C ASP A 64 -10.13 -12.46 11.66
N SER A 65 -9.44 -12.82 12.73
CA SER A 65 -8.96 -11.84 13.69
C SER A 65 -7.45 -11.63 13.55
N SER A 66 -7.06 -10.61 12.77
CA SER A 66 -5.65 -10.29 12.58
C SER A 66 -5.45 -8.79 12.34
N LEU A 69 -2.51 -10.45 8.69
CA LEU A 69 -2.99 -11.33 7.62
C LEU A 69 -3.88 -10.58 6.64
N SER A 70 -3.92 -11.07 5.40
CA SER A 70 -4.73 -10.46 4.36
C SER A 70 -5.83 -11.41 3.89
N THR A 71 -6.87 -10.85 3.27
CA THR A 71 -8.06 -11.58 2.86
C THR A 71 -7.75 -12.89 2.14
N GLU A 72 -6.73 -12.85 1.29
CA GLU A 72 -6.32 -14.02 0.52
C GLU A 72 -5.73 -15.09 1.44
N GLU A 73 -4.90 -14.63 2.37
CA GLU A 73 -4.20 -15.52 3.29
C GLU A 73 -5.16 -16.16 4.29
N LYS A 74 -6.08 -15.37 4.82
CA LYS A 74 -7.07 -15.88 5.77
C LYS A 74 -8.02 -16.87 5.09
N GLU A 75 -8.31 -16.64 3.81
CA GLU A 75 -9.14 -17.55 3.06
C GLU A 75 -8.43 -18.88 2.78
N PHE A 76 -7.18 -18.79 2.35
CA PHE A 76 -6.41 -19.99 2.05
C PHE A 76 -6.24 -20.84 3.30
N LEU A 77 -5.99 -20.20 4.44
CA LEU A 77 -5.81 -20.93 5.69
C LEU A 77 -7.10 -21.63 6.12
N LYS A 78 -8.24 -21.02 5.83
CA LYS A 78 -9.53 -21.63 6.13
C LYS A 78 -9.70 -22.93 5.35
N LYS A 79 -9.21 -22.95 4.12
CA LYS A 79 -9.26 -24.14 3.29
C LYS A 79 -8.43 -25.27 3.91
N LEU A 80 -7.38 -24.88 4.63
CA LEU A 80 -6.55 -25.85 5.34
C LEU A 80 -7.21 -26.28 6.64
N GLN A 81 -8.01 -25.37 7.19
CA GLN A 81 -8.63 -25.57 8.49
C GLN A 81 -9.52 -26.81 8.53
N ILE A 82 -10.27 -27.04 7.45
CA ILE A 82 -11.24 -28.12 7.42
C ILE A 82 -10.57 -29.50 7.47
N ASP A 83 -9.31 -29.57 7.04
CA ASP A 83 -8.58 -30.83 7.00
C ASP A 83 -7.92 -31.12 8.33
N LEU A 107 -6.51 -13.64 19.82
CA LEU A 107 -5.38 -14.52 19.55
C LEU A 107 -4.41 -14.56 20.73
N SER A 108 -3.97 -15.77 21.09
CA SER A 108 -3.01 -15.92 22.17
C SER A 108 -1.62 -15.73 21.60
N GLU A 109 -0.65 -15.37 22.45
CA GLU A 109 0.73 -15.11 21.99
C GLU A 109 1.31 -16.28 21.18
N LYS A 110 0.88 -17.50 21.46
CA LYS A 110 1.35 -18.64 20.67
C LYS A 110 0.67 -18.64 19.30
N GLU A 111 -0.54 -18.08 19.24
CA GLU A 111 -1.30 -18.06 18.00
C GLU A 111 -0.77 -17.04 16.99
N LYS A 112 -0.43 -15.82 17.42
CA LYS A 112 0.15 -14.84 16.49
C LYS A 112 1.50 -15.27 15.96
N GLU A 113 2.38 -15.72 16.86
CA GLU A 113 3.73 -16.10 16.46
C GLU A 113 3.66 -17.25 15.48
N PHE A 114 2.70 -18.14 15.68
CA PHE A 114 2.56 -19.26 14.78
C PHE A 114 2.14 -18.80 13.39
N LEU A 115 1.17 -17.90 13.32
CA LEU A 115 0.68 -17.42 12.02
C LEU A 115 1.74 -16.59 11.31
N LYS A 116 2.49 -15.78 12.07
CA LYS A 116 3.53 -14.94 11.50
C LYS A 116 4.58 -15.76 10.76
N LYS A 117 4.71 -17.04 11.12
CA LYS A 117 5.66 -17.91 10.44
C LYS A 117 5.00 -18.67 9.29
N LEU A 118 3.74 -19.09 9.49
CA LEU A 118 3.04 -19.85 8.47
C LEU A 118 2.73 -18.96 7.28
N LYS A 119 2.62 -17.66 7.55
CA LYS A 119 2.38 -16.66 6.52
C LYS A 119 3.47 -16.69 5.43
N LEU A 120 4.70 -16.98 5.83
CA LEU A 120 5.83 -17.02 4.91
C LEU A 120 5.77 -18.22 3.97
N ASP A 121 5.03 -19.25 4.36
CA ASP A 121 5.00 -20.50 3.60
C ASP A 121 3.81 -20.61 2.65
N ILE A 122 2.88 -19.67 2.71
CA ILE A 122 1.66 -19.78 1.92
C ILE A 122 1.60 -18.81 0.74
N GLN A 123 2.69 -18.13 0.46
CA GLN A 123 2.71 -17.15 -0.61
C GLN A 123 2.96 -17.80 -1.97
N PRO A 124 2.12 -17.46 -2.96
CA PRO A 124 2.35 -17.95 -4.31
C PRO A 124 3.60 -17.33 -4.92
N TYR A 125 4.25 -18.04 -5.84
CA TYR A 125 5.35 -17.44 -6.58
C TYR A 125 4.73 -16.58 -7.68
N ASP A 126 4.73 -15.28 -7.44
CA ASP A 126 4.00 -14.33 -8.29
C ASP A 126 4.92 -13.18 -8.65
N ILE A 127 5.50 -13.26 -9.85
CA ILE A 127 6.48 -12.29 -10.31
C ILE A 127 5.93 -10.86 -10.36
N ASN A 128 4.79 -10.68 -11.00
CA ASN A 128 4.17 -9.35 -11.07
C ASN A 128 3.83 -8.78 -9.70
N GLN A 129 3.48 -9.65 -8.76
CA GLN A 129 3.11 -9.18 -7.42
C GLN A 129 4.37 -8.78 -6.64
N ARG A 130 5.45 -9.52 -6.85
CA ARG A 130 6.72 -9.19 -6.19
C ARG A 130 7.20 -7.82 -6.68
N LEU A 131 7.03 -7.55 -7.97
CA LEU A 131 7.43 -6.28 -8.56
C LEU A 131 6.56 -5.14 -8.05
N GLN A 132 5.26 -5.40 -7.90
CA GLN A 132 4.36 -4.38 -7.40
C GLN A 132 4.60 -4.08 -5.92
N ASP A 133 4.66 -5.13 -5.11
CA ASP A 133 4.90 -4.99 -3.68
C ASP A 133 6.19 -4.21 -3.40
N THR A 134 7.22 -4.42 -4.21
CA THR A 134 8.50 -3.78 -3.98
C THR A 134 8.68 -2.52 -4.81
N GLY A 135 7.71 -2.23 -5.67
CA GLY A 135 7.84 -1.12 -6.59
C GLY A 135 9.10 -1.22 -7.43
N GLY A 136 9.50 -2.46 -7.74
CA GLY A 136 10.67 -2.69 -8.57
C GLY A 136 11.98 -2.79 -7.81
N LEU A 137 11.97 -2.48 -6.52
CA LEU A 137 13.16 -2.64 -5.69
C LEU A 137 13.27 -4.07 -5.19
N ILE A 138 13.61 -4.98 -6.09
CA ILE A 138 13.50 -6.41 -5.82
C ILE A 138 14.56 -6.97 -4.86
N ASP A 139 15.56 -6.16 -4.51
CA ASP A 139 16.57 -6.58 -3.54
C ASP A 139 16.13 -6.34 -2.10
N SER A 140 14.95 -5.76 -1.90
CA SER A 140 14.45 -5.50 -0.55
C SER A 140 14.32 -6.81 0.22
N PRO A 141 14.97 -6.88 1.38
CA PRO A 141 15.04 -8.12 2.18
C PRO A 141 13.71 -8.44 2.86
N SER A 142 12.65 -8.54 2.06
CA SER A 142 11.32 -8.80 2.59
C SER A 142 10.88 -10.22 2.28
N ILE A 143 11.77 -10.99 1.66
CA ILE A 143 11.49 -12.37 1.37
C ILE A 143 12.79 -13.17 1.40
N ASN A 144 12.68 -14.47 1.71
CA ASN A 144 13.81 -15.40 1.74
C ASN A 144 14.82 -15.17 0.60
N LEU A 145 16.11 -15.16 0.96
CA LEU A 145 17.17 -14.80 0.01
C LEU A 145 17.14 -15.63 -1.27
N ASP A 146 16.91 -16.94 -1.13
CA ASP A 146 16.90 -17.83 -2.28
C ASP A 146 15.74 -17.52 -3.22
N VAL A 147 14.56 -17.30 -2.66
CA VAL A 147 13.40 -16.96 -3.47
C VAL A 147 13.56 -15.56 -4.06
N ARG A 148 14.15 -14.66 -3.29
CA ARG A 148 14.47 -13.31 -3.73
C ARG A 148 15.32 -13.35 -5.00
N LYS A 149 16.32 -14.23 -5.02
CA LYS A 149 17.20 -14.35 -6.20
C LYS A 149 16.48 -15.02 -7.37
N GLN A 150 15.56 -15.94 -7.07
CA GLN A 150 14.77 -16.59 -8.10
C GLN A 150 13.91 -15.57 -8.83
N TYR A 151 13.22 -14.72 -8.06
CA TYR A 151 12.45 -13.63 -8.62
C TYR A 151 13.32 -12.75 -9.50
N LYS A 152 14.50 -12.42 -8.99
CA LYS A 152 15.44 -11.55 -9.71
C LYS A 152 15.89 -12.17 -11.04
N ARG A 153 16.17 -13.47 -11.05
CA ARG A 153 16.61 -14.11 -12.29
C ARG A 153 15.49 -14.10 -13.33
N ASP A 154 14.29 -14.48 -12.89
CA ASP A 154 13.14 -14.49 -13.78
C ASP A 154 12.86 -13.11 -14.35
N ILE A 155 12.86 -12.10 -13.49
CA ILE A 155 12.60 -10.72 -13.89
C ILE A 155 13.63 -10.23 -14.91
N GLN A 156 14.90 -10.53 -14.65
CA GLN A 156 15.96 -10.12 -15.56
C GLN A 156 15.86 -10.82 -16.91
N ASN A 157 15.43 -12.09 -16.90
CA ASN A 157 15.28 -12.83 -18.15
C ASN A 157 14.07 -12.34 -18.95
N ILE A 158 13.00 -11.95 -18.26
CA ILE A 158 11.82 -11.42 -18.93
C ILE A 158 12.15 -10.08 -19.57
N ASP A 159 12.85 -9.21 -18.83
CA ASP A 159 13.32 -7.96 -19.39
C ASP A 159 14.08 -8.20 -20.71
N ALA A 160 14.93 -9.23 -20.72
CA ALA A 160 15.72 -9.55 -21.90
C ALA A 160 14.85 -10.07 -23.05
N LEU A 161 13.76 -10.76 -22.73
CA LEU A 161 12.82 -11.21 -23.75
C LEU A 161 12.11 -10.02 -24.41
N LEU A 162 11.76 -9.02 -23.62
CA LEU A 162 10.98 -7.90 -24.14
C LEU A 162 11.89 -6.83 -24.69
N HIS A 163 12.42 -7.06 -25.90
CA HIS A 163 13.40 -6.15 -26.48
C HIS A 163 12.89 -5.43 -27.72
N GLN A 164 11.80 -5.91 -28.30
CA GLN A 164 11.28 -5.33 -29.54
C GLN A 164 10.18 -4.32 -29.27
N SER A 165 10.41 -3.08 -29.69
CA SER A 165 9.47 -1.99 -29.46
C SER A 165 8.24 -2.15 -30.35
N ILE A 166 7.16 -1.47 -29.97
CA ILE A 166 5.93 -1.50 -30.76
C ILE A 166 6.18 -0.82 -32.11
N GLY A 167 7.08 0.16 -32.13
CA GLY A 167 7.49 0.78 -33.38
C GLY A 167 6.79 2.08 -33.75
N SER A 168 7.38 2.80 -34.69
CA SER A 168 6.93 4.13 -35.10
C SER A 168 5.71 4.07 -36.01
N THR A 169 5.35 2.88 -36.48
CA THR A 169 4.23 2.74 -37.39
C THR A 169 2.93 2.42 -36.66
N LEU A 170 3.01 1.54 -35.67
CA LEU A 170 1.81 1.02 -35.00
C LEU A 170 1.35 1.84 -33.80
N TYR A 171 2.27 2.56 -33.16
CA TYR A 171 2.00 3.13 -31.85
C TYR A 171 0.83 4.11 -31.83
N ASN A 172 0.65 4.90 -32.90
CA ASN A 172 -0.43 5.87 -32.95
C ASN A 172 -1.62 5.42 -33.78
N LYS A 173 -1.63 4.15 -34.18
CA LYS A 173 -2.72 3.58 -34.95
C LYS A 173 -3.51 2.55 -34.15
N ILE A 174 -3.06 2.25 -32.94
CA ILE A 174 -3.73 1.26 -32.10
C ILE A 174 -3.92 1.70 -30.65
N TYR A 175 -4.97 1.19 -30.04
CA TYR A 175 -5.21 1.35 -28.62
C TYR A 175 -5.06 0.00 -27.95
N LEU A 176 -4.61 -0.01 -26.69
CA LEU A 176 -4.58 -1.24 -25.91
C LEU A 176 -5.38 -1.02 -24.63
N TYR A 177 -5.89 -2.10 -24.07
CA TYR A 177 -6.90 -1.98 -23.03
C TYR A 177 -6.54 -2.81 -21.81
N GLU A 178 -7.01 -2.35 -20.65
CA GLU A 178 -6.79 -3.06 -19.40
C GLU A 178 -7.98 -2.85 -18.49
N ASN A 179 -8.70 -3.92 -18.19
CA ASN A 179 -9.74 -3.88 -17.18
C ASN A 179 -9.07 -4.00 -15.82
N MET A 180 -9.57 -3.28 -14.82
CA MET A 180 -8.90 -3.24 -13.52
C MET A 180 -9.88 -3.07 -12.37
N ASN A 181 -9.62 -3.77 -11.27
CA ASN A 181 -10.40 -3.61 -10.04
C ASN A 181 -10.04 -2.31 -9.34
N ILE A 182 -11.07 -1.54 -8.98
CA ILE A 182 -10.90 -0.26 -8.32
C ILE A 182 -10.05 -0.37 -7.05
N ASN A 183 -10.23 -1.48 -6.33
CA ASN A 183 -9.54 -1.69 -5.07
C ASN A 183 -8.02 -1.81 -5.23
N ASN A 184 -7.56 -2.03 -6.46
CA ASN A 184 -6.13 -2.18 -6.73
C ASN A 184 -5.39 -0.85 -6.65
N LEU A 185 -6.10 0.25 -6.92
CA LEU A 185 -5.51 1.57 -6.81
C LEU A 185 -5.57 2.05 -5.36
N THR A 186 -6.79 2.16 -4.83
CA THR A 186 -6.98 2.38 -3.40
C THR A 186 -8.30 1.77 -2.93
N ALA A 187 -8.21 0.89 -1.94
CA ALA A 187 -9.35 0.15 -1.46
C ALA A 187 -10.30 1.03 -0.66
N THR A 188 -9.82 2.22 -0.29
CA THR A 188 -10.65 3.18 0.46
C THR A 188 -11.78 3.71 -0.40
N LEU A 189 -11.44 4.22 -1.59
CA LEU A 189 -12.45 4.72 -2.52
C LEU A 189 -13.25 3.57 -3.11
N GLY A 190 -12.60 2.42 -3.24
CA GLY A 190 -13.24 1.24 -3.82
C GLY A 190 -14.47 0.79 -3.04
N ALA A 191 -14.46 1.03 -1.74
CA ALA A 191 -15.58 0.68 -0.87
C ALA A 191 -16.87 1.33 -1.32
N ASP A 192 -16.82 2.65 -1.54
CA ASP A 192 -18.03 3.38 -1.94
C ASP A 192 -17.82 4.22 -3.20
N LEU A 193 -17.33 3.61 -4.28
CA LEU A 193 -17.26 4.30 -5.56
C LEU A 193 -18.39 3.82 -6.47
N VAL A 194 -18.81 2.58 -6.24
CA VAL A 194 -20.01 2.09 -6.87
C VAL A 194 -21.20 2.60 -6.06
N ASP A 195 -22.10 3.30 -6.74
CA ASP A 195 -23.30 3.85 -6.11
C ASP A 195 -24.02 2.77 -5.32
N SER A 196 -24.18 3.01 -4.02
CA SER A 196 -24.82 2.04 -3.14
C SER A 196 -26.31 1.90 -3.45
N THR A 197 -26.92 2.99 -3.90
CA THR A 197 -28.31 2.95 -4.33
C THR A 197 -28.45 2.02 -5.53
N ASP A 198 -27.84 2.41 -6.64
CA ASP A 198 -27.88 1.63 -7.87
C ASP A 198 -26.46 1.24 -8.28
N ASN A 199 -26.14 -0.04 -8.16
CA ASN A 199 -24.79 -0.53 -8.44
C ASN A 199 -24.39 -0.48 -9.90
N THR A 200 -25.33 -0.15 -10.78
CA THR A 200 -25.02 -0.03 -12.20
C THR A 200 -24.52 1.38 -12.52
N LYS A 201 -24.39 2.22 -11.50
CA LYS A 201 -23.93 3.58 -11.71
C LYS A 201 -22.81 3.99 -10.75
N ILE A 202 -22.08 5.02 -11.14
CA ILE A 202 -20.90 5.49 -10.40
C ILE A 202 -21.25 6.69 -9.51
N ASN A 203 -20.74 6.68 -8.28
CA ASN A 203 -20.85 7.82 -7.38
C ASN A 203 -20.15 9.05 -7.95
N ARG A 204 -20.94 10.02 -8.41
CA ARG A 204 -20.44 11.19 -9.12
C ARG A 204 -19.44 12.04 -8.33
N GLY A 205 -19.77 12.31 -7.07
CA GLY A 205 -18.96 13.21 -6.26
C GLY A 205 -17.60 12.64 -6.01
N ILE A 206 -17.58 11.39 -5.57
CA ILE A 206 -16.35 10.66 -5.32
C ILE A 206 -15.50 10.55 -6.58
N PHE A 207 -16.15 10.22 -7.69
CA PHE A 207 -15.52 10.17 -9.00
C PHE A 207 -14.78 11.46 -9.34
N ASN A 208 -15.38 12.60 -8.99
CA ASN A 208 -14.78 13.89 -9.30
C ASN A 208 -13.50 14.12 -8.52
N GLU A 209 -13.43 13.56 -7.31
CA GLU A 209 -12.24 13.68 -6.47
C GLU A 209 -11.15 12.78 -7.00
N PHE A 210 -11.53 11.53 -7.27
CA PHE A 210 -10.66 10.55 -7.90
C PHE A 210 -10.04 11.09 -9.18
N LYS A 211 -10.86 11.75 -9.99
CA LYS A 211 -10.44 12.28 -11.28
C LYS A 211 -9.51 13.50 -11.16
N LYS A 212 -9.74 14.32 -10.14
CA LYS A 212 -9.02 15.59 -10.03
C LYS A 212 -7.62 15.43 -9.47
N ASN A 213 -7.37 14.30 -8.78
CA ASN A 213 -6.05 14.04 -8.24
C ASN A 213 -5.26 12.98 -9.01
N PHE A 214 -5.86 12.45 -10.07
CA PHE A 214 -5.22 11.40 -10.84
C PHE A 214 -4.68 11.95 -12.16
N LYS A 215 -3.40 12.35 -12.15
CA LYS A 215 -2.79 12.95 -13.32
C LYS A 215 -1.65 12.13 -13.93
N TYR A 216 -1.10 11.20 -13.15
CA TYR A 216 -0.06 10.33 -13.68
C TYR A 216 0.03 9.01 -12.92
N SER A 217 0.58 8.01 -13.61
CA SER A 217 0.54 6.62 -13.16
C SER A 217 1.85 5.93 -13.49
N ILE A 218 2.26 4.97 -12.67
CA ILE A 218 3.48 4.21 -12.92
C ILE A 218 3.24 2.71 -12.88
N SER A 219 3.84 2.00 -13.83
CA SER A 219 3.80 0.55 -13.78
C SER A 219 5.20 0.00 -13.47
N SER A 220 5.35 -0.58 -12.28
CA SER A 220 6.61 -1.18 -11.89
C SER A 220 6.65 -2.66 -12.25
N ASN A 221 5.50 -3.23 -12.61
CA ASN A 221 5.49 -4.60 -13.09
C ASN A 221 5.10 -4.68 -14.56
N TYR A 222 4.85 -5.88 -15.04
CA TYR A 222 4.56 -6.08 -16.46
C TYR A 222 3.07 -6.01 -16.71
N MET A 223 2.62 -4.91 -17.30
CA MET A 223 1.22 -4.80 -17.67
C MET A 223 0.86 -5.82 -18.73
N ILE A 224 -0.26 -6.50 -18.52
CA ILE A 224 -0.77 -7.44 -19.49
C ILE A 224 -2.06 -6.88 -20.06
N VAL A 225 -1.98 -6.42 -21.31
CA VAL A 225 -3.08 -5.65 -21.89
C VAL A 225 -3.73 -6.39 -23.05
N ASP A 226 -5.01 -6.08 -23.26
CA ASP A 226 -5.77 -6.65 -24.37
C ASP A 226 -5.68 -5.77 -25.60
N ILE A 227 -5.49 -6.42 -26.75
CA ILE A 227 -5.44 -5.72 -28.03
C ILE A 227 -6.80 -5.12 -28.35
N ASN A 228 -7.84 -5.88 -28.05
CA ASN A 228 -9.20 -5.40 -28.22
C ASN A 228 -9.87 -5.31 -26.86
N GLU A 229 -10.71 -4.28 -26.70
CA GLU A 229 -11.37 -4.05 -25.42
C GLU A 229 -12.18 -5.28 -25.02
N ARG A 230 -12.06 -5.64 -23.74
CA ARG A 230 -12.69 -6.84 -23.23
C ARG A 230 -13.85 -6.46 -22.31
N PRO A 231 -15.01 -7.13 -22.47
CA PRO A 231 -16.17 -6.87 -21.61
C PRO A 231 -15.82 -7.07 -20.15
N ALA A 232 -16.27 -6.16 -19.29
CA ALA A 232 -15.92 -6.18 -17.88
C ALA A 232 -16.46 -7.41 -17.16
N LEU A 233 -15.62 -7.98 -16.29
CA LEU A 233 -16.04 -9.08 -15.43
C LEU A 233 -16.30 -8.53 -14.04
N ASP A 234 -16.45 -9.42 -13.06
CA ASP A 234 -16.78 -9.01 -11.69
C ASP A 234 -15.74 -8.08 -11.09
N ASN A 235 -16.21 -6.96 -10.56
CA ASN A 235 -15.37 -5.95 -9.92
C ASN A 235 -14.32 -5.34 -10.88
N GLU A 236 -14.68 -5.23 -12.15
CA GLU A 236 -13.84 -4.54 -13.12
C GLU A 236 -14.56 -3.29 -13.63
N ARG A 237 -14.58 -2.24 -12.81
CA ARG A 237 -15.27 -1.02 -13.19
C ARG A 237 -14.32 0.02 -13.79
N LEU A 238 -13.02 -0.29 -13.79
CA LEU A 238 -12.04 0.56 -14.45
C LEU A 238 -11.66 -0.01 -15.80
N LYS A 239 -11.81 0.79 -16.86
CA LYS A 239 -11.45 0.32 -18.18
C LYS A 239 -10.44 1.25 -18.83
N TRP A 240 -9.18 0.88 -18.72
CA TRP A 240 -8.07 1.65 -19.27
C TRP A 240 -8.00 1.57 -20.78
N ARG A 241 -7.78 2.71 -21.41
CA ARG A 241 -7.43 2.76 -22.83
C ARG A 241 -6.07 3.42 -22.92
N ILE A 242 -5.12 2.73 -23.53
CA ILE A 242 -3.72 3.12 -23.45
C ILE A 242 -3.11 3.32 -24.82
N GLN A 243 -2.41 4.43 -25.00
CA GLN A 243 -1.59 4.60 -26.19
C GLN A 243 -0.12 4.45 -25.83
N LEU A 244 0.56 3.58 -26.56
CA LEU A 244 1.97 3.33 -26.35
C LEU A 244 2.82 4.39 -27.02
N SER A 245 4.10 4.42 -26.67
CA SER A 245 5.06 5.27 -27.35
C SER A 245 5.82 4.41 -28.35
N PRO A 246 6.42 5.03 -29.38
CA PRO A 246 7.13 4.26 -30.41
C PRO A 246 8.17 3.28 -29.84
N ASP A 247 8.84 3.62 -28.76
CA ASP A 247 9.90 2.75 -28.25
C ASP A 247 9.48 1.94 -27.02
N THR A 248 8.18 1.92 -26.71
CA THR A 248 7.66 1.02 -25.68
C THR A 248 7.89 -0.43 -26.08
N ARG A 249 8.68 -1.16 -25.30
CA ARG A 249 8.95 -2.56 -25.60
C ARG A 249 7.79 -3.43 -25.13
N ALA A 250 7.52 -4.49 -25.89
CA ALA A 250 6.39 -5.37 -25.61
C ALA A 250 6.57 -6.73 -26.26
N GLY A 251 5.68 -7.66 -25.92
CA GLY A 251 5.70 -8.99 -26.51
C GLY A 251 4.29 -9.53 -26.67
N TYR A 252 4.03 -10.21 -27.78
CA TYR A 252 2.71 -10.78 -28.02
C TYR A 252 2.46 -12.01 -27.16
N LEU A 253 1.28 -12.07 -26.56
CA LEU A 253 0.83 -13.25 -25.86
C LEU A 253 -0.37 -13.79 -26.63
N GLU A 254 -0.58 -15.10 -26.57
CA GLU A 254 -1.67 -15.71 -27.32
C GLU A 254 -3.03 -15.16 -26.86
N ASN A 255 -4.01 -15.27 -27.75
CA ASN A 255 -5.37 -14.81 -27.52
C ASN A 255 -5.48 -13.28 -27.43
N GLY A 256 -4.69 -12.59 -28.25
CA GLY A 256 -4.84 -11.16 -28.44
C GLY A 256 -4.40 -10.27 -27.30
N LYS A 257 -3.30 -10.62 -26.64
CA LYS A 257 -2.78 -9.79 -25.56
C LYS A 257 -1.34 -9.37 -25.84
N LEU A 258 -0.90 -8.33 -25.13
CA LEU A 258 0.48 -7.88 -25.16
C LEU A 258 1.01 -7.80 -23.74
N ILE A 259 2.25 -8.22 -23.54
CA ILE A 259 2.91 -7.93 -22.28
C ILE A 259 3.82 -6.74 -22.53
N LEU A 260 3.74 -5.74 -21.65
CA LEU A 260 4.54 -4.54 -21.79
C LEU A 260 5.74 -4.62 -20.86
N GLN A 261 6.82 -3.96 -21.24
CA GLN A 261 7.98 -3.80 -20.37
C GLN A 261 7.56 -3.19 -19.04
N ARG A 262 8.30 -3.51 -17.99
CA ARG A 262 8.06 -2.89 -16.70
C ARG A 262 8.73 -1.52 -16.67
N ASN A 263 8.51 -0.77 -15.59
CA ASN A 263 9.09 0.56 -15.40
C ASN A 263 8.74 1.55 -16.50
N ILE A 264 7.44 1.72 -16.74
CA ILE A 264 6.99 2.76 -17.64
C ILE A 264 6.12 3.76 -16.90
N GLY A 265 6.02 4.96 -17.45
CA GLY A 265 5.13 5.96 -16.90
C GLY A 265 3.92 6.14 -17.81
N LEU A 266 2.83 6.60 -17.20
CA LEU A 266 1.60 6.88 -17.93
C LEU A 266 1.05 8.24 -17.52
N GLU A 267 0.81 9.11 -18.51
CA GLU A 267 0.11 10.36 -18.27
C GLU A 267 -1.39 10.14 -18.46
N ILE A 268 -2.15 10.55 -17.46
CA ILE A 268 -3.60 10.43 -17.51
C ILE A 268 -4.16 11.55 -18.37
N LYS A 269 -4.71 11.20 -19.53
CA LYS A 269 -5.17 12.20 -20.50
C LYS A 269 -6.63 12.56 -20.32
N ASP A 270 -7.42 11.63 -19.79
CA ASP A 270 -8.84 11.86 -19.58
C ASP A 270 -9.45 10.75 -18.72
N VAL A 271 -10.29 11.13 -17.76
CA VAL A 271 -11.04 10.18 -16.99
C VAL A 271 -12.52 10.49 -17.17
N GLN A 272 -13.28 9.52 -17.66
CA GLN A 272 -14.69 9.75 -17.94
C GLN A 272 -15.57 8.62 -17.43
N ILE A 273 -16.80 8.95 -17.07
CA ILE A 273 -17.80 7.94 -16.81
C ILE A 273 -18.46 7.58 -18.13
N ILE A 274 -18.54 6.29 -18.42
CA ILE A 274 -19.12 5.84 -19.68
C ILE A 274 -20.13 4.72 -19.47
N LYS A 275 -20.94 4.49 -20.48
CA LYS A 275 -21.97 3.46 -20.40
C LYS A 275 -21.62 2.30 -21.33
N GLN A 276 -21.57 1.11 -20.77
CA GLN A 276 -21.32 -0.10 -21.55
C GLN A 276 -22.30 -1.19 -21.15
N SER A 277 -23.06 -1.67 -22.12
CA SER A 277 -24.07 -2.71 -21.92
C SER A 277 -24.92 -2.43 -20.68
N GLU A 278 -25.58 -1.27 -20.72
CA GLU A 278 -26.52 -0.84 -19.67
C GLU A 278 -25.90 -0.77 -18.29
N LYS A 279 -24.69 -0.23 -18.19
CA LYS A 279 -24.03 -0.06 -16.90
C LYS A 279 -22.85 0.90 -17.02
N GLU A 280 -22.52 1.57 -15.92
CA GLU A 280 -21.51 2.62 -15.92
C GLU A 280 -20.13 2.13 -15.50
N TYR A 281 -19.11 2.66 -16.18
CA TYR A 281 -17.72 2.31 -15.92
C TYR A 281 -16.88 3.58 -15.94
N ILE A 282 -15.63 3.45 -15.52
CA ILE A 282 -14.71 4.58 -15.55
C ILE A 282 -13.67 4.38 -16.64
N ARG A 283 -13.79 5.14 -17.72
CA ARG A 283 -12.78 5.14 -18.76
C ARG A 283 -11.55 5.91 -18.30
N ILE A 284 -10.39 5.27 -18.42
CA ILE A 284 -9.13 5.95 -18.16
C ILE A 284 -8.28 5.94 -19.41
N ASP A 285 -8.13 7.10 -20.04
CA ASP A 285 -7.22 7.24 -21.17
C ASP A 285 -5.85 7.65 -20.67
N ALA A 286 -4.83 6.91 -21.10
CA ALA A 286 -3.47 7.17 -20.65
C ALA A 286 -2.48 7.01 -21.78
N LYS A 287 -1.42 7.82 -21.75
CA LYS A 287 -0.36 7.75 -22.74
C LYS A 287 0.95 7.34 -22.08
N VAL A 288 1.63 6.36 -22.65
CA VAL A 288 2.92 5.94 -22.14
C VAL A 288 3.93 7.05 -22.35
N VAL A 289 4.66 7.37 -21.29
CA VAL A 289 5.75 8.35 -21.34
C VAL A 289 6.92 7.76 -20.60
N PRO A 290 8.13 8.33 -20.77
CA PRO A 290 9.26 7.82 -19.98
C PRO A 290 8.99 7.92 -18.49
N LYS A 291 9.22 6.83 -17.76
CA LYS A 291 8.99 6.80 -16.33
C LYS A 291 9.75 7.91 -15.60
N SER A 292 10.96 8.21 -16.06
CA SER A 292 11.82 9.22 -15.44
C SER A 292 11.17 10.60 -15.45
N LYS A 293 10.36 10.86 -16.46
CA LYS A 293 9.63 12.10 -16.53
C LYS A 293 8.66 12.23 -15.36
N ILE A 294 8.03 11.12 -14.98
CA ILE A 294 7.07 11.11 -13.87
C ILE A 294 7.77 11.13 -12.52
N ASP A 295 8.87 10.39 -12.40
CA ASP A 295 9.68 10.43 -11.20
C ASP A 295 10.20 11.84 -10.93
N THR A 296 10.45 12.59 -12.01
CA THR A 296 10.87 13.99 -11.89
C THR A 296 9.79 14.78 -11.19
N LYS A 297 8.55 14.61 -11.64
CA LYS A 297 7.41 15.31 -11.03
C LYS A 297 7.22 14.92 -9.57
N ILE A 298 7.45 13.65 -9.25
CA ILE A 298 7.33 13.17 -7.87
C ILE A 298 8.39 13.80 -6.97
N GLN A 299 9.62 13.85 -7.45
CA GLN A 299 10.71 14.43 -6.65
C GLN A 299 10.55 15.93 -6.50
N GLU A 300 10.01 16.59 -7.51
CA GLU A 300 9.71 18.02 -7.40
C GLU A 300 8.65 18.23 -6.33
N ALA A 301 7.60 17.42 -6.35
CA ALA A 301 6.54 17.53 -5.36
C ALA A 301 7.07 17.23 -3.97
N GLN A 302 7.95 16.25 -3.85
CA GLN A 302 8.57 15.93 -2.56
C GLN A 302 9.40 17.11 -2.06
N LEU A 303 10.14 17.73 -2.98
CA LEU A 303 10.91 18.91 -2.64
C LEU A 303 10.00 20.03 -2.14
N ASN A 304 8.90 20.24 -2.86
CA ASN A 304 7.97 21.30 -2.54
C ASN A 304 7.32 21.16 -1.16
N ILE A 305 6.78 19.97 -0.89
CA ILE A 305 6.08 19.72 0.37
C ILE A 305 7.03 19.79 1.57
N ASN A 306 8.30 19.48 1.35
CA ASN A 306 9.28 19.62 2.41
C ASN A 306 9.58 21.09 2.67
N GLN A 307 9.63 21.88 1.59
CA GLN A 307 9.88 23.31 1.72
C GLN A 307 8.78 23.98 2.53
N GLU A 308 7.54 23.66 2.19
CA GLU A 308 6.39 24.25 2.86
C GLU A 308 6.33 23.89 4.34
N TRP A 309 6.60 22.63 4.66
CA TRP A 309 6.45 22.16 6.04
C TRP A 309 7.68 22.38 6.91
N ASN A 310 8.86 22.49 6.31
CA ASN A 310 10.04 22.87 7.08
C ASN A 310 9.84 24.28 7.63
N LYS A 311 9.21 25.13 6.81
CA LYS A 311 8.93 26.50 7.20
C LYS A 311 7.88 26.54 8.30
N ALA A 312 6.74 25.92 8.05
CA ALA A 312 5.61 25.94 8.97
C ALA A 312 5.94 25.28 10.31
N LEU A 313 6.95 24.42 10.33
CA LEU A 313 7.33 23.71 11.56
C LEU A 313 8.56 24.31 12.21
N GLY A 314 9.15 25.33 11.57
CA GLY A 314 10.35 25.96 12.10
C GLY A 314 11.56 25.05 12.01
N LEU A 315 11.65 24.29 10.92
CA LEU A 315 12.75 23.39 10.70
C LEU A 315 13.76 24.01 9.73
N PRO A 316 15.02 23.55 9.80
CA PRO A 316 16.03 23.91 8.79
C PRO A 316 15.50 23.63 7.39
N LYS A 317 15.75 24.55 6.46
CA LYS A 317 15.10 24.54 5.14
C LYS A 317 15.30 23.24 4.34
N TYR A 318 16.38 22.54 4.63
CA TYR A 318 16.73 21.35 3.85
C TYR A 318 16.56 20.06 4.63
N THR A 319 15.78 20.13 5.71
CA THR A 319 15.43 18.94 6.47
C THR A 319 14.65 17.99 5.57
N LYS A 320 15.06 16.73 5.54
CA LYS A 320 14.32 15.70 4.83
C LYS A 320 13.38 15.01 5.81
N LEU A 321 12.10 15.35 5.74
CA LEU A 321 11.12 14.81 6.67
C LEU A 321 10.06 13.98 5.95
N ILE A 322 9.58 14.51 4.83
CA ILE A 322 8.54 13.86 4.07
C ILE A 322 9.14 13.12 2.88
N THR A 323 8.85 11.82 2.79
CA THR A 323 9.32 10.99 1.70
C THR A 323 8.16 10.48 0.86
N PHE A 324 8.25 10.67 -0.46
CA PHE A 324 7.30 10.05 -1.38
C PHE A 324 7.96 8.82 -1.98
N ASN A 325 7.62 7.65 -1.43
CA ASN A 325 8.09 6.39 -1.96
C ASN A 325 7.01 5.81 -2.87
N VAL A 326 7.00 6.25 -4.13
CA VAL A 326 5.89 5.98 -5.02
C VAL A 326 6.32 5.28 -6.32
N HIS A 327 5.69 4.15 -6.64
CA HIS A 327 6.12 3.34 -7.77
C HIS A 327 4.98 2.66 -8.54
N ASN A 328 3.75 2.87 -8.12
CA ASN A 328 2.65 2.12 -8.72
C ASN A 328 1.51 2.96 -9.32
N ARG A 329 0.44 2.28 -9.72
CA ARG A 329 -0.46 2.81 -10.74
C ARG A 329 -1.32 3.99 -10.30
N TYR A 330 -1.34 4.25 -8.99
CA TYR A 330 -2.12 5.35 -8.46
C TYR A 330 -1.19 6.44 -7.94
N ALA A 331 -0.05 6.58 -8.60
CA ALA A 331 1.07 7.41 -8.13
C ALA A 331 0.70 8.82 -7.66
N SER A 332 0.03 9.59 -8.51
CA SER A 332 -0.21 11.01 -8.23
C SER A 332 -1.09 11.22 -7.01
N ASN A 333 -2.05 10.33 -6.78
CA ASN A 333 -2.94 10.49 -5.63
C ASN A 333 -2.23 10.26 -4.32
N ILE A 334 -1.24 9.38 -4.33
CA ILE A 334 -0.41 9.19 -3.14
C ILE A 334 0.22 10.53 -2.78
N VAL A 335 0.72 11.22 -3.78
CA VAL A 335 1.36 12.52 -3.58
C VAL A 335 0.36 13.56 -3.07
N GLU A 336 -0.79 13.67 -3.74
CA GLU A 336 -1.80 14.66 -3.38
C GLU A 336 -2.43 14.38 -2.02
N SER A 337 -2.61 13.10 -1.72
CA SER A 337 -3.21 12.69 -0.46
C SER A 337 -2.36 13.14 0.72
N ALA A 338 -1.04 13.10 0.56
CA ALA A 338 -0.12 13.49 1.62
C ALA A 338 -0.37 14.92 2.07
N TYR A 339 -0.57 15.82 1.11
CA TYR A 339 -0.84 17.23 1.41
C TYR A 339 -2.06 17.40 2.31
N LEU A 340 -3.13 16.66 2.01
CA LEU A 340 -4.37 16.78 2.76
C LEU A 340 -4.25 16.16 4.14
N ILE A 341 -3.55 15.03 4.20
CA ILE A 341 -3.34 14.32 5.45
C ILE A 341 -2.56 15.20 6.43
N LEU A 342 -1.51 15.83 5.96
CA LEU A 342 -0.70 16.69 6.82
C LEU A 342 -1.47 17.93 7.23
N ASN A 343 -2.31 18.43 6.33
CA ASN A 343 -3.17 19.57 6.63
C ASN A 343 -4.17 19.28 7.74
N GLU A 344 -4.84 18.13 7.66
CA GLU A 344 -5.74 17.69 8.73
C GLU A 344 -4.99 17.51 10.04
N TRP A 345 -3.78 16.97 9.94
CA TRP A 345 -2.90 16.77 11.08
C TRP A 345 -2.58 18.10 11.77
N LYS A 346 -2.38 19.14 10.97
CA LYS A 346 -2.06 20.46 11.48
C LYS A 346 -3.28 21.18 12.05
N ASN A 347 -4.44 20.91 11.47
CA ASN A 347 -5.67 21.57 11.89
C ASN A 347 -6.24 21.03 13.20
N ASN A 348 -5.88 19.79 13.55
CA ASN A 348 -6.52 19.13 14.68
C ASN A 348 -5.60 18.87 15.87
N ILE A 349 -4.31 19.16 15.71
CA ILE A 349 -3.37 18.97 16.80
C ILE A 349 -2.68 20.30 17.12
N GLN A 350 -2.49 20.57 18.41
CA GLN A 350 -1.85 21.79 18.87
C GLN A 350 -0.51 21.99 18.19
N SER A 351 -0.23 23.23 17.81
CA SER A 351 0.98 23.57 17.08
C SER A 351 2.24 23.16 17.85
N ASP A 352 2.28 23.51 19.14
CA ASP A 352 3.45 23.23 19.96
C ASP A 352 3.74 21.73 20.12
N LEU A 353 2.68 20.93 20.25
CA LEU A 353 2.84 19.49 20.32
C LEU A 353 3.45 18.94 19.03
N ILE A 354 2.88 19.35 17.91
CA ILE A 354 3.40 18.99 16.59
C ILE A 354 4.87 19.35 16.43
N LYS A 355 5.23 20.60 16.73
CA LYS A 355 6.60 21.07 16.60
C LYS A 355 7.57 20.28 17.48
N LYS A 356 7.17 20.05 18.73
CA LYS A 356 8.02 19.38 19.71
C LYS A 356 8.31 17.95 19.29
N VAL A 357 7.26 17.21 18.95
CA VAL A 357 7.39 15.80 18.61
C VAL A 357 8.12 15.60 17.28
N THR A 358 7.78 16.42 16.29
CA THR A 358 8.41 16.33 14.99
C THR A 358 9.92 16.61 15.07
N ASN A 359 10.31 17.63 15.82
CA ASN A 359 11.72 17.92 16.03
C ASN A 359 12.45 16.74 16.66
N TYR A 360 11.76 16.03 17.55
CA TYR A 360 12.32 14.83 18.16
C TYR A 360 12.56 13.76 17.10
N LEU A 361 11.59 13.60 16.19
CA LEU A 361 11.72 12.62 15.12
C LEU A 361 12.88 13.00 14.22
N VAL A 362 12.98 14.29 13.90
CA VAL A 362 14.06 14.76 13.04
C VAL A 362 15.41 14.53 13.70
N ASP A 363 15.47 14.72 15.02
CA ASP A 363 16.69 14.44 15.79
C ASP A 363 17.16 12.99 15.59
N GLY A 364 16.22 12.10 15.29
CA GLY A 364 16.55 10.71 15.03
C GLY A 364 16.51 10.37 13.55
N ASN A 365 16.58 11.41 12.72
CA ASN A 365 16.57 11.28 11.27
C ASN A 365 15.30 10.59 10.75
N GLY A 366 14.21 10.79 11.46
CA GLY A 366 12.94 10.17 11.11
C GLY A 366 12.32 10.71 9.83
N ARG A 367 11.24 10.05 9.39
CA ARG A 367 10.55 10.45 8.17
C ARG A 367 9.04 10.30 8.31
N PHE A 368 8.31 11.08 7.53
CA PHE A 368 6.92 10.77 7.21
C PHE A 368 6.93 10.12 5.82
N VAL A 369 6.70 8.81 5.75
CA VAL A 369 6.77 8.13 4.47
C VAL A 369 5.39 7.82 3.91
N PHE A 370 5.11 8.39 2.75
CA PHE A 370 3.87 8.11 2.04
C PHE A 370 4.18 7.23 0.83
N THR A 371 3.56 6.06 0.77
CA THR A 371 3.99 5.05 -0.19
C THR A 371 2.88 4.21 -0.78
N ASP A 372 3.16 3.61 -1.93
CA ASP A 372 2.27 2.63 -2.54
C ASP A 372 2.97 1.28 -2.73
N ILE A 373 4.10 1.08 -2.04
CA ILE A 373 4.70 -0.25 -1.96
C ILE A 373 4.47 -0.76 -0.55
N THR A 374 4.52 -2.08 -0.35
CA THR A 374 4.16 -2.63 0.96
C THR A 374 5.22 -2.30 2.01
N LEU A 375 4.75 -2.08 3.24
CA LEU A 375 5.63 -1.58 4.30
C LEU A 375 6.87 -2.46 4.63
N PRO A 376 6.77 -3.80 4.46
CA PRO A 376 8.03 -4.53 4.66
C PRO A 376 9.14 -4.09 3.70
N ASN A 377 8.77 -3.46 2.60
CA ASN A 377 9.75 -3.01 1.63
C ASN A 377 10.20 -1.56 1.86
N ILE A 378 9.79 -0.98 2.98
CA ILE A 378 10.25 0.35 3.37
C ILE A 378 11.47 0.23 4.29
N ALA A 379 12.56 0.87 3.91
CA ALA A 379 13.82 0.80 4.65
C ALA A 379 13.66 1.22 6.11
N GLU A 380 12.85 2.25 6.35
CA GLU A 380 12.62 2.70 7.72
C GLU A 380 11.99 1.59 8.57
N GLN A 381 11.44 0.56 7.94
CA GLN A 381 11.06 -0.64 8.70
C GLN A 381 12.11 -1.75 8.61
N TYR A 382 12.45 -2.22 7.42
CA TYR A 382 13.21 -3.46 7.33
C TYR A 382 14.66 -3.33 7.83
N THR A 383 15.20 -2.11 7.83
CA THR A 383 16.54 -1.88 8.36
C THR A 383 16.65 -2.34 9.81
N HIS A 384 15.53 -2.28 10.53
CA HIS A 384 15.55 -2.56 11.96
C HIS A 384 14.84 -3.87 12.28
N GLN A 385 14.50 -4.62 11.24
CA GLN A 385 13.79 -5.87 11.41
C GLN A 385 14.35 -6.93 10.48
N ASP A 386 15.33 -7.69 10.95
CA ASP A 386 15.99 -8.70 10.13
C ASP A 386 15.07 -9.89 9.84
N GLU A 387 14.35 -10.33 10.86
CA GLU A 387 13.44 -11.47 10.70
C GLU A 387 12.20 -11.09 9.89
N ILE A 388 12.07 -11.70 8.71
CA ILE A 388 10.93 -11.48 7.84
C ILE A 388 9.59 -11.77 8.53
N TYR A 389 9.56 -12.75 9.42
CA TYR A 389 8.30 -13.07 10.08
C TYR A 389 7.91 -11.97 11.07
N GLU A 390 8.85 -11.09 11.40
CA GLU A 390 8.55 -9.97 12.28
C GLU A 390 8.19 -8.73 11.48
N GLN A 391 8.35 -8.80 10.16
CA GLN A 391 8.01 -7.64 9.33
C GLN A 391 6.50 -7.52 9.20
N VAL A 392 6.02 -6.28 9.19
CA VAL A 392 4.59 -6.03 9.19
C VAL A 392 4.15 -5.27 7.95
N HIS A 393 3.12 -5.76 7.27
CA HIS A 393 2.45 -4.92 6.29
C HIS A 393 1.07 -4.54 6.80
N SER A 394 0.79 -3.25 6.71
CA SER A 394 -0.48 -2.72 7.17
C SER A 394 -0.67 -1.36 6.54
N LYS A 395 -1.78 -0.71 6.86
CA LYS A 395 -2.07 0.59 6.30
C LYS A 395 -1.13 1.64 6.87
N GLY A 396 -0.71 1.45 8.12
CA GLY A 396 0.14 2.41 8.78
C GLY A 396 0.97 1.83 9.91
N LEU A 397 2.07 2.52 10.22
CA LEU A 397 3.03 2.02 11.19
C LEU A 397 3.86 3.14 11.77
N TYR A 398 4.22 3.02 13.04
CA TYR A 398 5.27 3.85 13.60
C TYR A 398 6.45 2.97 14.00
N VAL A 399 7.65 3.33 13.55
CA VAL A 399 8.84 2.56 13.88
C VAL A 399 9.77 3.37 14.78
N PRO A 400 9.77 3.07 16.08
CA PRO A 400 10.53 3.80 17.10
C PRO A 400 12.02 3.87 16.75
N GLU A 401 12.58 2.74 16.32
CA GLU A 401 13.99 2.64 15.99
C GLU A 401 14.42 3.60 14.88
N SER A 402 13.46 4.03 14.06
CA SER A 402 13.77 4.94 12.95
C SER A 402 12.96 6.23 13.05
N ARG A 403 12.18 6.34 14.13
CA ARG A 403 11.39 7.54 14.41
C ARG A 403 10.54 7.95 13.21
N SER A 404 10.04 6.96 12.48
CA SER A 404 9.35 7.25 11.22
C SER A 404 7.90 6.80 11.26
N ILE A 405 7.05 7.58 10.62
CA ILE A 405 5.67 7.21 10.38
C ILE A 405 5.53 6.71 8.94
N LEU A 406 4.87 5.57 8.77
CA LEU A 406 4.72 4.98 7.43
C LEU A 406 3.25 4.81 7.10
N LEU A 407 2.82 5.39 5.97
CA LEU A 407 1.43 5.28 5.57
C LEU A 407 1.32 4.71 4.17
N HIS A 408 0.60 3.61 4.05
CA HIS A 408 0.38 2.91 2.79
C HIS A 408 -0.98 3.31 2.20
N GLY A 409 -0.95 4.05 1.10
CA GLY A 409 -2.15 4.50 0.44
C GLY A 409 -3.15 3.43 0.00
N PRO A 410 -2.75 2.56 -0.94
CA PRO A 410 -3.63 1.57 -1.59
C PRO A 410 -4.51 0.73 -0.67
N SER A 411 -4.02 0.35 0.51
CA SER A 411 -4.74 -0.64 1.31
C SER A 411 -5.89 -0.06 2.14
N LYS A 412 -6.65 -0.97 2.75
CA LYS A 412 -7.75 -0.62 3.63
C LYS A 412 -7.30 -0.69 5.08
N GLY A 413 -7.82 0.21 5.91
CA GLY A 413 -7.45 0.18 7.31
C GLY A 413 -8.34 -0.69 8.15
N VAL A 414 -8.01 -0.81 9.43
CA VAL A 414 -8.97 -1.29 10.40
C VAL A 414 -9.94 -0.14 10.65
N GLU A 415 -11.23 -0.39 10.36
CA GLU A 415 -12.34 0.40 10.92
C GLU A 415 -12.33 1.90 10.63
N LEU A 416 -11.34 2.38 9.88
CA LEU A 416 -11.00 3.80 9.87
C LEU A 416 -11.60 4.62 8.73
N ARG A 417 -12.13 5.78 9.12
CA ARG A 417 -12.80 6.71 8.23
C ARG A 417 -11.94 7.19 7.08
N ASN A 418 -10.65 7.43 7.36
CA ASN A 418 -9.74 7.90 6.34
C ASN A 418 -8.27 7.80 6.73
N ASP A 419 -7.40 8.25 5.83
CA ASP A 419 -5.96 8.18 6.07
C ASP A 419 -5.49 9.27 7.03
N SER A 420 -6.20 10.40 7.05
CA SER A 420 -5.85 11.49 7.97
C SER A 420 -5.88 11.03 9.40
N GLU A 421 -6.93 10.29 9.76
CA GLU A 421 -7.09 9.83 11.13
C GLU A 421 -6.06 8.78 11.50
N GLY A 422 -5.75 7.88 10.57
CA GLY A 422 -4.75 6.87 10.80
C GLY A 422 -3.37 7.49 11.00
N PHE A 423 -3.09 8.57 10.28
CA PHE A 423 -1.86 9.30 10.48
C PHE A 423 -1.78 9.86 11.90
N ILE A 424 -2.89 10.43 12.37
CA ILE A 424 -2.96 10.97 13.72
C ILE A 424 -2.72 9.87 14.74
N HIS A 425 -3.28 8.69 14.45
CA HIS A 425 -3.01 7.50 15.25
C HIS A 425 -1.53 7.16 15.31
N GLU A 426 -0.86 7.18 14.16
CA GLU A 426 0.57 6.89 14.14
C GLU A 426 1.33 7.96 14.90
N PHE A 427 0.92 9.21 14.71
CA PHE A 427 1.53 10.31 15.44
C PHE A 427 1.32 10.13 16.96
N GLY A 428 0.23 9.47 17.32
CA GLY A 428 0.00 9.10 18.72
C GLY A 428 1.14 8.24 19.23
N HIS A 429 1.62 7.34 18.38
CA HIS A 429 2.73 6.47 18.76
C HIS A 429 4.02 7.27 18.97
N ALA A 430 4.24 8.26 18.11
CA ALA A 430 5.39 9.14 18.27
C ALA A 430 5.27 9.97 19.55
N VAL A 431 4.04 10.36 19.90
CA VAL A 431 3.79 11.09 21.14
C VAL A 431 4.12 10.24 22.35
N ASP A 432 3.62 9.01 22.35
CA ASP A 432 3.97 8.00 23.33
C ASP A 432 5.50 7.87 23.46
N ASP A 433 6.17 7.81 22.31
CA ASP A 433 7.62 7.69 22.25
C ASP A 433 8.33 8.85 22.95
N TYR A 434 8.03 10.06 22.51
CA TYR A 434 8.68 11.26 23.04
C TYR A 434 8.41 11.47 24.53
N ALA A 435 7.17 11.23 24.95
CA ALA A 435 6.80 11.38 26.36
C ALA A 435 7.66 10.50 27.26
N GLY A 436 7.80 9.23 26.89
CA GLY A 436 8.62 8.30 27.67
C GLY A 436 10.10 8.65 27.62
N TYR A 437 10.53 9.26 26.53
CA TYR A 437 11.90 9.69 26.38
C TYR A 437 12.21 10.81 27.36
N LEU A 438 11.31 11.79 27.44
CA LEU A 438 11.49 12.91 28.35
C LEU A 438 11.50 12.44 29.80
N LEU A 439 10.78 11.35 30.06
CA LEU A 439 10.74 10.75 31.38
C LEU A 439 12.10 10.19 31.80
N ASP A 440 12.87 9.74 30.81
CA ASP A 440 14.16 9.09 31.08
C ASP A 440 15.00 9.11 29.81
N LYS A 441 15.75 10.19 29.62
CA LYS A 441 16.49 10.41 28.37
C LYS A 441 17.57 9.35 28.13
N ASN A 442 18.01 8.70 29.20
CA ASN A 442 18.89 7.55 29.06
C ASN A 442 18.08 6.27 29.24
N GLN A 443 18.41 5.25 28.45
CA GLN A 443 17.54 4.10 28.18
C GLN A 443 16.04 4.38 27.99
N SER A 444 15.75 5.23 27.01
CA SER A 444 14.38 5.65 26.74
C SER A 444 13.38 4.54 26.48
N ASP A 445 12.13 4.79 26.85
CA ASP A 445 11.06 3.83 26.67
C ASP A 445 9.78 4.58 26.31
N LEU A 446 8.71 3.85 26.02
CA LEU A 446 7.41 4.44 25.76
C LEU A 446 6.67 4.62 27.08
N VAL A 447 5.91 5.71 27.23
CA VAL A 447 5.15 5.89 28.48
C VAL A 447 4.14 4.78 28.70
N THR A 448 3.70 4.14 27.62
CA THR A 448 2.73 3.06 27.73
C THR A 448 3.36 1.80 28.31
N ASN A 449 4.66 1.87 28.58
CA ASN A 449 5.35 0.78 29.28
C ASN A 449 5.49 1.11 30.75
N SER A 450 5.16 2.34 31.14
CA SER A 450 5.20 2.75 32.54
C SER A 450 4.09 2.08 33.34
N LYS A 451 4.36 1.85 34.62
CA LYS A 451 3.43 1.12 35.49
C LYS A 451 2.08 1.81 35.59
N LYS A 452 2.08 3.14 35.51
CA LYS A 452 0.85 3.90 35.62
C LYS A 452 -0.11 3.59 34.48
N PHE A 453 0.39 3.68 33.24
CA PHE A 453 -0.51 3.46 32.11
C PHE A 453 -0.92 2.02 31.97
N ILE A 454 -0.03 1.10 32.34
CA ILE A 454 -0.32 -0.33 32.26
C ILE A 454 -1.58 -0.68 33.06
N ASP A 455 -1.65 -0.15 34.28
CA ASP A 455 -2.81 -0.38 35.14
C ASP A 455 -4.04 0.35 34.60
N ILE A 456 -3.83 1.57 34.09
CA ILE A 456 -4.89 2.29 33.43
C ILE A 456 -5.47 1.46 32.29
N PHE A 457 -4.57 0.79 31.56
CA PHE A 457 -4.95 -0.01 30.42
C PHE A 457 -5.76 -1.24 30.81
N LYS A 458 -5.36 -1.94 31.87
CA LYS A 458 -6.10 -3.15 32.25
C LYS A 458 -7.48 -2.75 32.78
N GLU A 459 -7.63 -1.50 33.17
CA GLU A 459 -8.96 -1.02 33.58
C GLU A 459 -9.79 -0.57 32.38
N GLU A 460 -9.31 0.44 31.65
CA GLU A 460 -10.10 1.10 30.62
C GLU A 460 -9.80 0.60 29.21
N GLY A 461 -9.01 -0.47 29.10
CA GLY A 461 -8.51 -0.92 27.82
C GLY A 461 -9.55 -1.38 26.80
N SER A 462 -10.76 -1.69 27.26
CA SER A 462 -11.78 -2.21 26.36
C SER A 462 -12.94 -1.23 26.19
N ASN A 463 -12.72 0.02 26.58
CA ASN A 463 -13.78 1.00 26.57
C ASN A 463 -13.81 1.84 25.31
N LEU A 464 -12.83 1.63 24.43
CA LEU A 464 -12.77 2.38 23.19
C LEU A 464 -12.82 1.39 22.04
N THR A 465 -12.19 1.74 20.92
CA THR A 465 -12.24 0.90 19.74
C THR A 465 -11.85 -0.55 19.97
N SER A 466 -12.38 -1.43 19.14
CA SER A 466 -12.07 -2.85 19.22
C SER A 466 -10.58 -3.10 19.10
N TYR A 467 -9.91 -2.27 18.29
CA TYR A 467 -8.48 -2.41 18.08
C TYR A 467 -7.69 -1.79 19.22
N GLY A 468 -8.32 -0.89 19.96
CA GLY A 468 -7.67 -0.30 21.13
C GLY A 468 -7.30 -1.34 22.17
N ARG A 469 -7.96 -2.50 22.11
CA ARG A 469 -7.75 -3.55 23.11
C ARG A 469 -6.45 -4.31 22.91
N THR A 470 -5.83 -4.15 21.74
CA THR A 470 -4.66 -4.95 21.36
C THR A 470 -3.55 -4.91 22.41
N ASN A 471 -3.16 -3.71 22.82
CA ASN A 471 -2.14 -3.52 23.84
C ASN A 471 -2.10 -2.07 24.31
N GLU A 472 -1.22 -1.79 25.26
CA GLU A 472 -1.10 -0.45 25.82
C GLU A 472 -0.77 0.58 24.75
N ALA A 473 0.15 0.24 23.84
CA ALA A 473 0.60 1.17 22.83
C ALA A 473 -0.54 1.57 21.90
N GLU A 474 -1.26 0.57 21.40
CA GLU A 474 -2.32 0.81 20.44
C GLU A 474 -3.52 1.48 21.12
N PHE A 475 -3.71 1.18 22.39
CA PHE A 475 -4.79 1.79 23.16
C PHE A 475 -4.55 3.29 23.27
N PHE A 476 -3.32 3.64 23.65
CA PHE A 476 -2.86 5.03 23.71
C PHE A 476 -3.07 5.75 22.38
N ALA A 477 -2.68 5.10 21.29
CA ALA A 477 -2.71 5.71 19.97
C ALA A 477 -4.14 5.94 19.51
N GLU A 478 -5.00 4.95 19.73
CA GLU A 478 -6.41 5.10 19.44
C GLU A 478 -7.04 6.23 20.26
N ALA A 479 -6.78 6.23 21.56
CA ALA A 479 -7.31 7.26 22.44
C ALA A 479 -6.83 8.64 22.00
N PHE A 480 -5.55 8.73 21.64
CA PHE A 480 -4.98 9.98 21.14
C PHE A 480 -5.69 10.42 19.86
N ARG A 481 -5.91 9.47 18.96
CA ARG A 481 -6.60 9.74 17.71
C ARG A 481 -7.98 10.30 17.96
N LEU A 482 -8.79 9.54 18.70
CA LEU A 482 -10.17 9.92 18.97
C LEU A 482 -10.27 11.24 19.73
N MET A 483 -9.28 11.52 20.57
CA MET A 483 -9.23 12.80 21.28
C MET A 483 -8.97 13.97 20.33
N HIS A 484 -8.60 13.66 19.09
CA HIS A 484 -8.34 14.71 18.12
C HIS A 484 -9.19 14.52 16.87
N SER A 485 -10.31 13.84 17.03
CA SER A 485 -11.28 13.66 15.95
C SER A 485 -12.00 14.97 15.63
N THR A 486 -12.41 15.14 14.37
CA THR A 486 -13.17 16.33 13.97
C THR A 486 -14.58 16.28 14.56
N ASP A 487 -15.07 15.06 14.80
CA ASP A 487 -16.38 14.83 15.39
C ASP A 487 -16.36 15.12 16.88
N HIS A 488 -17.23 15.96 17.37
CA HIS A 488 -17.19 16.31 18.75
C HIS A 488 -17.42 15.12 19.63
N ALA A 489 -18.29 14.24 19.22
CA ALA A 489 -18.82 13.19 20.08
C ALA A 489 -17.71 12.20 20.40
N GLU A 490 -16.85 11.96 19.42
CA GLU A 490 -15.79 10.99 19.56
C GLU A 490 -14.77 11.40 20.62
N ARG A 491 -14.51 12.69 20.79
CA ARG A 491 -13.55 13.14 21.79
C ARG A 491 -14.13 13.16 23.21
N LEU A 492 -15.45 13.35 23.36
CA LEU A 492 -16.05 13.31 24.70
C LEU A 492 -16.15 11.87 25.18
N LYS A 493 -16.35 10.94 24.24
CA LYS A 493 -16.39 9.52 24.55
C LYS A 493 -15.15 9.06 25.31
N VAL A 494 -13.97 9.46 24.83
CA VAL A 494 -12.72 9.17 25.52
C VAL A 494 -12.78 9.77 26.91
N GLN A 495 -13.19 11.03 26.99
CA GLN A 495 -13.30 11.71 28.28
C GLN A 495 -14.34 11.03 29.17
N LYS A 496 -15.28 10.34 28.54
CA LYS A 496 -16.36 9.69 29.26
C LYS A 496 -16.04 8.24 29.61
N ASN A 497 -15.81 7.41 28.59
CA ASN A 497 -15.57 5.99 28.78
C ASN A 497 -14.18 5.67 29.34
N ALA A 498 -13.24 6.59 29.16
CA ALA A 498 -11.88 6.36 29.65
C ALA A 498 -11.27 7.65 30.18
N PRO A 499 -11.76 8.14 31.32
CA PRO A 499 -11.32 9.42 31.87
C PRO A 499 -9.88 9.39 32.39
N LYS A 500 -9.45 8.24 32.91
CA LYS A 500 -8.07 8.12 33.35
C LYS A 500 -7.12 8.19 32.16
N THR A 501 -7.44 7.45 31.11
CA THR A 501 -6.66 7.50 29.88
C THR A 501 -6.69 8.91 29.31
N PHE A 502 -7.88 9.51 29.31
CA PHE A 502 -8.07 10.87 28.81
C PHE A 502 -7.15 11.85 29.52
N GLN A 503 -7.18 11.86 30.84
CA GLN A 503 -6.36 12.79 31.61
C GLN A 503 -4.88 12.48 31.45
N PHE A 504 -4.55 11.19 31.42
CA PHE A 504 -3.16 10.76 31.27
C PHE A 504 -2.54 11.32 29.99
N ILE A 505 -3.29 11.26 28.89
CA ILE A 505 -2.78 11.74 27.62
C ILE A 505 -2.57 13.24 27.65
N ASN A 506 -3.58 13.97 28.12
CA ASN A 506 -3.46 15.43 28.25
C ASN A 506 -2.29 15.80 29.15
N ASP A 507 -2.05 14.99 30.18
CA ASP A 507 -0.87 15.16 31.02
C ASP A 507 0.40 15.03 30.21
N GLN A 508 0.47 14.00 29.37
CA GLN A 508 1.67 13.80 28.53
C GLN A 508 1.84 14.95 27.55
N ILE A 509 0.73 15.43 27.01
CA ILE A 509 0.78 16.53 26.05
C ILE A 509 1.36 17.79 26.69
N LYS A 510 0.79 18.19 27.81
CA LYS A 510 1.28 19.38 28.50
C LYS A 510 2.74 19.18 28.93
N PHE A 511 3.03 18.00 29.47
CA PHE A 511 4.41 17.66 29.85
C PHE A 511 5.39 17.85 28.69
N ILE A 512 5.00 17.39 27.49
CA ILE A 512 5.83 17.53 26.30
C ILE A 512 6.02 18.99 25.92
N ILE A 513 4.91 19.72 25.81
CA ILE A 513 4.95 21.12 25.39
C ILE A 513 5.82 21.96 26.34
N ASN A 514 5.75 21.66 27.64
CA ASN A 514 6.51 22.42 28.63
C ASN A 514 7.99 22.04 28.73
N SER A 515 8.42 21.03 27.97
CA SER A 515 9.78 20.50 28.10
C SER A 515 10.84 21.47 27.60
C1 41R B . -1.54 0.33 13.39
C2 41R B . -2.22 -0.47 12.32
C3 41R B . -0.94 -2.49 13.07
O4 41R B . -1.83 0.22 14.57
O5 41R B . 0.35 1.66 13.86
C11 41R B . -4.50 0.28 13.03
C12 41R B . -5.34 1.53 12.77
C13 41R B . -4.56 2.81 13.02
C19 41R B . -5.25 1.98 9.25
C20 41R B . -5.35 3.27 8.73
C21 41R B . -4.29 4.15 8.82
C22 41R B . -3.11 3.75 9.43
N3 41R B . -0.58 1.16 12.96
C6 41R B . -2.33 -1.92 12.84
N7 41R B . -3.55 0.01 11.93
S8 41R B . -3.88 0.08 10.44
O9 41R B . -5.05 -0.69 10.16
O10 41R B . -2.76 -0.51 9.76
C17 41R B . -6.63 1.51 13.59
C18 41R B . -4.06 1.57 9.86
C23 41R B . -2.99 2.46 9.94
F24 41R B . -4.42 5.40 8.31
C25 41R B . -6.61 3.75 8.06
C4 41R B . -3.17 -2.85 11.97
ZN ZN C . -0.76 1.57 15.96
C1 EDO D . 0.97 24.90 4.30
O1 EDO D . 1.97 23.92 3.95
C2 EDO D . 0.42 24.58 5.68
O2 EDO D . 1.51 24.45 6.60
C1 EDO E . 5.54 -7.73 1.66
O1 EDO E . 4.50 -7.57 0.70
C2 EDO E . 6.70 -8.48 1.00
O2 EDO E . 7.05 -7.82 -0.21
#